data_3MSX
#
_entry.id   3MSX
#
_cell.length_a   69.057
_cell.length_b   88.977
_cell.length_c   137.725
_cell.angle_alpha   90.000
_cell.angle_beta   90.000
_cell.angle_gamma   90.000
#
_symmetry.space_group_name_H-M   'C 2 2 21'
#
loop_
_entity.id
_entity.type
_entity.pdbx_description
1 polymer 'Transforming protein RhoA'
2 polymer 'Rho GTPase-activating protein 20'
3 non-polymer "GUANOSINE-5'-DIPHOSPHATE"
4 non-polymer 'MAGNESIUM ION'
5 non-polymer TRIFLUOROMAGNESATE
6 water water
#
loop_
_entity_poly.entity_id
_entity_poly.type
_entity_poly.pdbx_seq_one_letter_code
_entity_poly.pdbx_strand_id
1 'polypeptide(L)'
;MAAIRKKLVIVGDGACGKTCLLIVNSKDQFPEVYVPTVFENYVADIEVDGKQVELALWDTAGQEDYDRLRPLSYPDTDVI
LMCFSIDSPDSLENIPEKWTPEVKHFCPNVPIILVGNKKDLRNDEHTRRELAKMKQEPVKPEEGRDMANRIGAFGYMECS
AKTKDGVREVFEMATRAALQ
;
A
2 'polypeptide(L)'
;PSSPTSPMPGQLFGISLPNICENDNLPKPVLDMLFFLNQKGPLTKGIFRQSANVKSCRELKEKLNSGVEVHLDCESIFVI
ASVLKDFLRNIPGSIFSSDLYDHWVSVMDQGNDEEKINTVQRLLDQLPRANVVLLRYLFGVLHNIEQHSSSNQMTAFNLA
VCVAPSILWPPASSSPELENEFTKKVSLLIQFLIENCLRIF
;
B
#
loop_
_chem_comp.id
_chem_comp.type
_chem_comp.name
_chem_comp.formula
GDP RNA linking GUANOSINE-5'-DIPHOSPHATE 'C10 H15 N5 O11 P2'
MG non-polymer 'MAGNESIUM ION' 'Mg 2'
MGF non-polymer TRIFLUOROMAGNESATE 'F3 Mg -1'
#
# COMPACT_ATOMS: atom_id res chain seq x y z
N ILE A 4 -31.29 -5.92 9.36
CA ILE A 4 -30.85 -5.82 7.95
C ILE A 4 -29.33 -5.67 7.87
N ARG A 5 -28.67 -6.64 7.25
CA ARG A 5 -27.20 -6.63 7.17
C ARG A 5 -26.70 -6.16 5.79
N LYS A 6 -25.74 -5.24 5.76
CA LYS A 6 -25.12 -4.81 4.50
C LYS A 6 -23.61 -4.71 4.66
N LYS A 7 -22.92 -4.87 3.54
CA LYS A 7 -21.47 -4.86 3.56
C LYS A 7 -21.00 -3.67 2.78
N LEU A 8 -20.16 -2.86 3.44
CA LEU A 8 -19.44 -1.73 2.83
C LEU A 8 -17.97 -2.09 2.80
N VAL A 9 -17.28 -1.89 1.66
CA VAL A 9 -15.82 -2.01 1.52
C VAL A 9 -15.30 -0.64 1.17
N ILE A 10 -14.21 -0.32 1.85
CA ILE A 10 -13.52 0.97 1.57
C ILE A 10 -12.18 0.70 0.91
N VAL A 11 -11.91 1.44 -0.17
CA VAL A 11 -10.65 1.32 -0.91
C VAL A 11 -10.10 2.69 -1.31
N GLY A 12 -8.83 2.72 -1.68
CA GLY A 12 -8.23 3.92 -2.18
C GLY A 12 -6.75 3.95 -1.72
N ASP A 13 -6.02 4.97 -2.18
CA ASP A 13 -4.57 4.97 -2.01
C ASP A 13 -4.09 4.80 -0.54
N GLY A 14 -2.89 4.25 -0.40
CA GLY A 14 -2.28 4.11 0.93
C GLY A 14 -2.13 5.49 1.57
N ALA A 15 -2.54 5.56 2.85
CA ALA A 15 -2.42 6.75 3.68
C ALA A 15 -3.38 7.86 3.26
N CYS A 16 -4.45 7.55 2.53
CA CYS A 16 -5.38 8.61 2.12
C CYS A 16 -6.49 8.89 3.15
N GLY A 17 -6.51 8.13 4.25
CA GLY A 17 -7.42 8.46 5.36
C GLY A 17 -8.55 7.47 5.56
N LYS A 18 -8.48 6.29 4.94
CA LYS A 18 -9.57 5.30 5.06
C LYS A 18 -9.87 4.88 6.50
N THR A 19 -8.85 4.46 7.25
CA THR A 19 -9.02 3.95 8.58
C THR A 19 -9.56 5.02 9.53
N CYS A 20 -9.01 6.24 9.42
CA CYS A 20 -9.46 7.34 10.25
C CYS A 20 -10.93 7.62 10.02
N LEU A 21 -11.33 7.57 8.76
CA LEU A 21 -12.75 7.77 8.41
C LEU A 21 -13.63 6.73 9.10
N LEU A 22 -13.25 5.44 9.00
CA LEU A 22 -14.03 4.39 9.65
C LEU A 22 -14.09 4.53 11.18
N ILE A 23 -12.97 4.91 11.79
CA ILE A 23 -12.88 4.97 13.25
C ILE A 23 -13.64 6.15 13.82
N VAL A 24 -13.58 7.29 13.14
CA VAL A 24 -14.30 8.46 13.61
C VAL A 24 -15.79 8.19 13.52
N ASN A 25 -16.22 7.55 12.44
CA ASN A 25 -17.62 7.19 12.30
C ASN A 25 -18.11 6.27 13.40
N SER A 26 -17.32 5.27 13.76
CA SER A 26 -17.76 4.29 14.72
C SER A 26 -17.41 4.68 16.15
N LYS A 27 -16.13 4.76 16.46
CA LYS A 27 -15.68 5.07 17.81
C LYS A 27 -15.81 6.53 18.22
N ASP A 28 -16.08 7.42 17.26
CA ASP A 28 -16.23 8.86 17.54
C ASP A 28 -14.95 9.47 18.18
N GLN A 29 -13.79 9.18 17.58
CA GLN A 29 -12.49 9.62 18.10
C GLN A 29 -11.37 9.43 17.05
N PHE A 30 -10.62 10.49 16.77
CA PHE A 30 -9.57 10.47 15.76
C PHE A 30 -8.29 9.77 16.26
N PRO A 31 -7.88 8.68 15.57
CA PRO A 31 -6.71 7.92 16.01
C PRO A 31 -5.44 8.72 15.77
N GLU A 32 -4.47 8.58 16.67
CA GLU A 32 -3.24 9.37 16.61
C GLU A 32 -2.06 8.55 16.11
N VAL A 33 -2.26 7.24 16.00
CA VAL A 33 -1.22 6.34 15.51
C VAL A 33 -1.07 6.47 14.00
N TYR A 34 0.16 6.33 13.53
CA TYR A 34 0.45 6.25 12.11
C TYR A 34 0.79 4.79 11.87
N VAL A 35 -0.21 4.02 11.47
CA VAL A 35 -0.07 2.56 11.24
C VAL A 35 -0.88 2.11 10.02
N PRO A 36 -0.21 1.48 9.04
CA PRO A 36 -1.00 1.01 7.89
C PRO A 36 -1.76 -0.26 8.18
N THR A 37 -2.94 -0.36 7.54
CA THR A 37 -3.86 -1.50 7.68
C THR A 37 -3.56 -2.59 6.68
N VAL A 38 -3.81 -3.84 7.06
CA VAL A 38 -3.80 -4.93 6.09
C VAL A 38 -5.25 -5.26 5.78
N PHE A 39 -5.95 -5.83 6.75
CA PHE A 39 -7.40 -6.01 6.68
C PHE A 39 -7.91 -5.87 8.10
N GLU A 40 -9.06 -5.22 8.26
CA GLU A 40 -9.79 -5.31 9.50
C GLU A 40 -11.26 -5.12 9.20
N ASN A 41 -12.11 -5.55 10.12
CA ASN A 41 -13.55 -5.48 10.00
C ASN A 41 -14.15 -4.76 11.19
N TYR A 42 -15.13 -3.91 10.92
CA TYR A 42 -15.86 -3.26 11.98
C TYR A 42 -17.34 -3.38 11.68
N VAL A 43 -18.16 -3.01 12.66
CA VAL A 43 -19.60 -2.93 12.47
C VAL A 43 -20.10 -1.57 12.94
N ALA A 44 -20.96 -0.96 12.12
CA ALA A 44 -21.64 0.27 12.49
C ALA A 44 -23.14 0.00 12.40
N ASP A 45 -23.84 0.30 13.49
CA ASP A 45 -25.30 0.27 13.46
C ASP A 45 -25.77 1.66 13.08
N ILE A 46 -26.53 1.71 12.00
CA ILE A 46 -27.04 2.97 11.49
C ILE A 46 -28.52 2.81 11.17
N GLU A 47 -29.32 3.76 11.65
CA GLU A 47 -30.72 3.80 11.26
C GLU A 47 -30.88 4.81 10.15
N VAL A 48 -31.43 4.36 9.03
CA VAL A 48 -31.68 5.25 7.91
C VAL A 48 -33.05 4.93 7.32
N ASP A 49 -33.85 5.97 7.12
CA ASP A 49 -35.20 5.86 6.57
C ASP A 49 -36.03 4.79 7.27
N GLY A 50 -36.00 4.83 8.60
CA GLY A 50 -36.81 3.96 9.44
C GLY A 50 -36.30 2.55 9.61
N LYS A 51 -35.17 2.25 8.95
CA LYS A 51 -34.62 0.90 8.96
C LYS A 51 -33.34 0.82 9.77
N GLN A 52 -33.28 -0.16 10.65
CA GLN A 52 -32.05 -0.46 11.40
C GLN A 52 -31.16 -1.34 10.53
N VAL A 53 -29.99 -0.80 10.17
CA VAL A 53 -29.01 -1.53 9.39
C VAL A 53 -27.78 -1.88 10.23
N GLU A 54 -27.35 -3.13 10.11
CA GLU A 54 -26.07 -3.57 10.62
C GLU A 54 -25.09 -3.50 9.45
N LEU A 55 -24.27 -2.47 9.45
CA LEU A 55 -23.37 -2.22 8.34
C LEU A 55 -21.97 -2.76 8.66
N ALA A 56 -21.57 -3.82 7.97
CA ALA A 56 -20.23 -4.38 8.10
C ALA A 56 -19.27 -3.49 7.27
N LEU A 57 -18.21 -3.02 7.94
CA LEU A 57 -17.23 -2.13 7.30
C LEU A 57 -15.97 -2.90 7.13
N TRP A 58 -15.57 -3.13 5.87
CA TRP A 58 -14.34 -3.84 5.57
C TRP A 58 -13.28 -2.88 5.17
N ASP A 59 -12.25 -2.84 5.99
CA ASP A 59 -11.09 -1.96 5.77
C ASP A 59 -10.01 -2.75 5.04
N THR A 60 -9.28 -2.06 4.14
CA THR A 60 -8.35 -2.66 3.20
C THR A 60 -7.03 -1.84 3.10
N ALA A 61 -5.97 -2.45 2.57
CA ALA A 61 -4.66 -1.84 2.34
C ALA A 61 -4.68 -1.18 0.97
N GLY A 62 -4.26 0.09 0.90
CA GLY A 62 -4.18 0.80 -0.36
C GLY A 62 -2.92 0.55 -1.17
N GLN A 63 -1.93 -0.09 -0.54
CA GLN A 63 -0.64 -0.38 -1.22
C GLN A 63 -0.88 -1.40 -2.33
N GLU A 64 -0.26 -1.17 -3.49
CA GLU A 64 -0.37 -2.09 -4.66
C GLU A 64 0.11 -3.49 -4.28
N ASP A 65 0.97 -3.56 -3.26
CA ASP A 65 1.51 -4.84 -2.76
C ASP A 65 0.41 -5.81 -2.38
N TYR A 66 -0.72 -5.24 -1.95
CA TYR A 66 -1.82 -6.05 -1.45
C TYR A 66 -2.87 -6.35 -2.52
N ASP A 67 -2.53 -6.08 -3.78
CA ASP A 67 -3.49 -6.29 -4.89
C ASP A 67 -3.96 -7.77 -5.01
N ARG A 68 -3.10 -8.72 -4.64
CA ARG A 68 -3.46 -10.15 -4.67
C ARG A 68 -4.47 -10.51 -3.58
N LEU A 69 -4.42 -9.77 -2.46
CA LEU A 69 -5.25 -10.15 -1.30
C LEU A 69 -6.54 -9.37 -1.28
N ARG A 70 -6.52 -8.14 -1.80
CA ARG A 70 -7.70 -7.29 -1.70
C ARG A 70 -9.01 -7.96 -2.20
N PRO A 71 -8.98 -8.71 -3.32
CA PRO A 71 -10.22 -9.32 -3.79
C PRO A 71 -10.89 -10.25 -2.79
N LEU A 72 -10.21 -10.67 -1.72
CA LEU A 72 -10.92 -11.49 -0.71
C LEU A 72 -12.03 -10.71 -0.04
N SER A 73 -11.91 -9.37 -0.09
CA SER A 73 -12.90 -8.46 0.53
C SER A 73 -14.15 -8.20 -0.30
N TYR A 74 -14.05 -8.42 -1.60
CA TYR A 74 -15.07 -7.93 -2.53
C TYR A 74 -16.37 -8.73 -2.59
N PRO A 75 -16.32 -10.07 -2.40
CA PRO A 75 -17.60 -10.78 -2.59
C PRO A 75 -18.78 -10.24 -1.76
N ASP A 76 -19.95 -10.15 -2.41
CA ASP A 76 -21.22 -9.84 -1.73
C ASP A 76 -21.21 -8.43 -1.14
N THR A 77 -20.44 -7.55 -1.76
CA THR A 77 -20.42 -6.14 -1.34
C THR A 77 -21.67 -5.40 -1.80
N ASP A 78 -22.18 -4.54 -0.91
CA ASP A 78 -23.42 -3.78 -1.18
C ASP A 78 -23.17 -2.36 -1.59
N VAL A 79 -22.06 -1.83 -1.09
CA VAL A 79 -21.59 -0.42 -1.42
C VAL A 79 -20.06 -0.29 -1.26
N ILE A 80 -19.43 0.48 -2.17
CA ILE A 80 -17.98 0.75 -2.14
C ILE A 80 -17.86 2.21 -1.81
N LEU A 81 -16.99 2.51 -0.81
CA LEU A 81 -16.43 3.85 -0.62
C LEU A 81 -15.09 3.88 -1.29
N MET A 82 -14.94 4.72 -2.31
CA MET A 82 -13.70 4.80 -3.04
C MET A 82 -13.08 6.14 -2.67
N CYS A 83 -11.95 6.09 -1.99
CA CYS A 83 -11.42 7.33 -1.40
C CYS A 83 -10.16 7.88 -2.07
N PHE A 84 -10.09 9.18 -2.00
CA PHE A 84 -8.82 9.86 -2.28
C PHE A 84 -8.65 10.96 -1.25
N SER A 85 -7.42 11.49 -1.20
CA SER A 85 -7.16 12.66 -0.29
C SER A 85 -7.20 13.97 -1.06
N ILE A 86 -7.87 15.00 -0.51
CA ILE A 86 -7.95 16.33 -1.11
C ILE A 86 -6.54 16.94 -1.21
N ASP A 87 -5.61 16.53 -0.32
CA ASP A 87 -4.24 17.11 -0.32
C ASP A 87 -3.32 16.34 -1.30
N SER A 88 -3.90 15.40 -2.03
CA SER A 88 -3.11 14.60 -2.97
C SER A 88 -3.78 14.46 -4.33
N PRO A 89 -3.48 15.35 -5.26
CA PRO A 89 -3.96 15.20 -6.63
C PRO A 89 -3.55 13.86 -7.27
N ASP A 90 -2.40 13.30 -6.90
CA ASP A 90 -2.04 11.95 -7.40
C ASP A 90 -3.06 10.88 -6.97
N SER A 91 -3.57 10.99 -5.72
CA SER A 91 -4.55 9.98 -5.24
C SER A 91 -5.86 10.08 -6.02
N LEU A 92 -6.17 11.29 -6.51
CA LEU A 92 -7.35 11.46 -7.39
C LEU A 92 -7.09 10.89 -8.77
N GLU A 93 -5.91 11.16 -9.35
CA GLU A 93 -5.57 10.58 -10.65
C GLU A 93 -5.59 9.05 -10.60
N ASN A 94 -5.29 8.49 -9.44
CA ASN A 94 -5.25 7.02 -9.31
C ASN A 94 -6.63 6.41 -9.27
N ILE A 95 -7.65 7.25 -9.07
CA ILE A 95 -9.05 6.76 -9.06
C ILE A 95 -9.42 6.09 -10.42
N PRO A 96 -9.31 6.81 -11.54
CA PRO A 96 -9.62 6.16 -12.82
C PRO A 96 -8.52 5.19 -13.30
N GLU A 97 -7.27 5.44 -12.94
CA GLU A 97 -6.15 4.60 -13.39
C GLU A 97 -6.07 3.26 -12.70
N LYS A 98 -6.51 3.19 -11.46
CA LYS A 98 -6.29 1.96 -10.72
C LYS A 98 -7.53 1.47 -10.00
N TRP A 99 -8.13 2.36 -9.22
CA TRP A 99 -9.25 1.89 -8.36
C TRP A 99 -10.53 1.55 -9.10
N THR A 100 -10.89 2.40 -10.07
CA THR A 100 -12.13 2.16 -10.77
C THR A 100 -12.06 0.86 -11.58
N PRO A 101 -10.98 0.63 -12.34
CA PRO A 101 -10.87 -0.65 -13.04
C PRO A 101 -10.96 -1.87 -12.13
N GLU A 102 -10.36 -1.80 -10.95
CA GLU A 102 -10.41 -2.95 -10.03
C GLU A 102 -11.81 -3.14 -9.46
N VAL A 103 -12.43 -2.03 -9.02
CA VAL A 103 -13.74 -2.12 -8.39
C VAL A 103 -14.80 -2.52 -9.42
N LYS A 104 -14.70 -1.99 -10.63
CA LYS A 104 -15.66 -2.34 -11.68
C LYS A 104 -15.52 -3.82 -12.04
N HIS A 105 -14.30 -4.35 -11.90
CA HIS A 105 -14.03 -5.75 -12.21
C HIS A 105 -14.63 -6.68 -11.19
N PHE A 106 -14.35 -6.43 -9.91
CA PHE A 106 -14.77 -7.33 -8.83
C PHE A 106 -16.12 -6.98 -8.24
N CYS A 107 -16.60 -5.77 -8.51
CA CYS A 107 -17.87 -5.31 -7.93
C CYS A 107 -18.81 -4.78 -9.02
N PRO A 108 -19.13 -5.61 -9.99
CA PRO A 108 -19.96 -5.12 -11.08
C PRO A 108 -21.31 -4.64 -10.55
N ASN A 109 -21.71 -3.44 -10.97
CA ASN A 109 -23.04 -2.88 -10.64
C ASN A 109 -23.30 -2.59 -9.13
N VAL A 110 -22.23 -2.61 -8.34
CA VAL A 110 -22.29 -2.18 -6.93
C VAL A 110 -22.09 -0.66 -6.90
N PRO A 111 -22.96 0.08 -6.17
CA PRO A 111 -22.83 1.56 -6.14
C PRO A 111 -21.54 1.98 -5.45
N ILE A 112 -20.88 3.00 -6.03
CA ILE A 112 -19.61 3.61 -5.55
C ILE A 112 -19.95 4.99 -5.05
N ILE A 113 -19.53 5.29 -3.81
CA ILE A 113 -19.50 6.68 -3.32
C ILE A 113 -18.04 7.16 -3.45
N LEU A 114 -17.84 8.24 -4.19
CA LEU A 114 -16.47 8.78 -4.30
C LEU A 114 -16.30 9.77 -3.16
N VAL A 115 -15.25 9.53 -2.36
CA VAL A 115 -15.06 10.28 -1.12
C VAL A 115 -13.71 11.00 -1.17
N GLY A 116 -13.77 12.29 -1.01
CA GLY A 116 -12.57 13.12 -0.88
C GLY A 116 -12.26 13.33 0.59
N ASN A 117 -11.18 12.73 1.07
CA ASN A 117 -10.79 12.82 2.51
C ASN A 117 -9.90 14.03 2.80
N LYS A 118 -9.71 14.31 4.10
CA LYS A 118 -8.79 15.36 4.58
C LYS A 118 -9.19 16.71 4.03
N LYS A 119 -10.48 17.01 4.01
CA LYS A 119 -10.93 18.29 3.45
C LYS A 119 -10.31 19.46 4.18
N ASP A 120 -9.98 19.27 5.45
CA ASP A 120 -9.37 20.35 6.26
C ASP A 120 -8.01 20.86 5.73
N LEU A 121 -7.35 20.06 4.89
CA LEU A 121 -6.03 20.41 4.36
C LEU A 121 -6.10 21.20 3.06
N ARG A 122 -7.29 21.39 2.52
CA ARG A 122 -7.40 22.04 1.24
C ARG A 122 -6.73 23.42 1.30
N ASN A 123 -6.94 24.12 2.40
CA ASN A 123 -6.32 25.43 2.57
C ASN A 123 -5.21 25.48 3.63
N ASP A 124 -4.65 24.33 3.96
CA ASP A 124 -3.56 24.26 4.90
C ASP A 124 -2.30 24.79 4.19
N GLU A 125 -1.66 25.80 4.81
CA GLU A 125 -0.52 26.55 4.19
C GLU A 125 0.64 25.66 3.83
N HIS A 126 0.95 24.71 4.73
CA HIS A 126 2.06 23.76 4.53
C HIS A 126 1.78 22.88 3.32
N THR A 127 0.58 22.31 3.28
CA THR A 127 0.12 21.48 2.17
C THR A 127 0.18 22.22 0.81
N ARG A 128 -0.38 23.43 0.76
CA ARG A 128 -0.39 24.20 -0.48
C ARG A 128 1.04 24.49 -0.97
N ARG A 129 1.94 24.79 -0.04
CA ARG A 129 3.29 25.16 -0.48
C ARG A 129 4.06 23.91 -0.93
N GLU A 130 3.81 22.78 -0.27
CA GLU A 130 4.43 21.52 -0.66
C GLU A 130 3.95 21.08 -2.04
N LEU A 131 2.67 21.26 -2.32
CA LEU A 131 2.14 20.91 -3.64
C LEU A 131 2.57 21.89 -4.72
N ALA A 132 2.67 23.18 -4.36
CA ALA A 132 3.01 24.21 -5.36
C ALA A 132 4.43 23.96 -5.82
N LYS A 133 5.28 23.47 -4.91
CA LYS A 133 6.68 23.19 -5.23
C LYS A 133 6.74 22.23 -6.40
N MET A 134 5.82 21.27 -6.40
CA MET A 134 5.72 20.20 -7.42
C MET A 134 4.71 20.52 -8.55
N LYS A 135 4.31 21.79 -8.67
CA LYS A 135 3.41 22.26 -9.74
C LYS A 135 1.97 21.77 -9.61
N GLN A 136 1.56 21.48 -8.37
CA GLN A 136 0.24 20.94 -8.09
C GLN A 136 -0.50 21.80 -7.08
N GLU A 137 -1.79 21.47 -6.88
CA GLU A 137 -2.62 22.13 -5.89
C GLU A 137 -3.60 21.11 -5.36
N PRO A 138 -4.15 21.37 -4.18
CA PRO A 138 -5.15 20.47 -3.61
C PRO A 138 -6.33 20.29 -4.60
N VAL A 139 -7.03 19.16 -4.52
CA VAL A 139 -8.14 18.90 -5.37
C VAL A 139 -9.25 19.90 -5.09
N LYS A 140 -9.85 20.46 -6.14
CA LYS A 140 -10.99 21.39 -5.98
C LYS A 140 -12.29 20.60 -5.97
N PRO A 141 -13.35 21.15 -5.33
CA PRO A 141 -14.63 20.41 -5.32
C PRO A 141 -15.13 20.02 -6.72
N GLU A 142 -15.05 20.92 -7.70
CA GLU A 142 -15.50 20.62 -9.06
C GLU A 142 -14.75 19.44 -9.66
N GLU A 143 -13.47 19.31 -9.30
CA GLU A 143 -12.66 18.22 -9.84
C GLU A 143 -13.12 16.89 -9.28
N GLY A 144 -13.44 16.87 -7.98
CA GLY A 144 -14.00 15.65 -7.36
C GLY A 144 -15.32 15.25 -7.98
N ARG A 145 -16.19 16.24 -8.16
CA ARG A 145 -17.51 16.03 -8.78
C ARG A 145 -17.38 15.54 -10.21
N ASP A 146 -16.47 16.14 -10.98
CA ASP A 146 -16.24 15.72 -12.36
C ASP A 146 -15.80 14.25 -12.39
N MET A 147 -14.94 13.88 -11.45
CA MET A 147 -14.44 12.53 -11.43
C MET A 147 -15.57 11.56 -11.08
N ALA A 148 -16.43 11.97 -10.14
CA ALA A 148 -17.57 11.12 -9.74
C ALA A 148 -18.46 10.87 -10.95
N ASN A 149 -18.70 11.93 -11.73
CA ASN A 149 -19.49 11.75 -12.93
C ASN A 149 -18.80 10.84 -13.93
N ARG A 150 -17.51 11.04 -14.11
CA ARG A 150 -16.73 10.23 -15.05
C ARG A 150 -16.76 8.72 -14.73
N ILE A 151 -16.76 8.36 -13.46
CA ILE A 151 -16.65 6.96 -13.09
C ILE A 151 -18.00 6.35 -12.80
N GLY A 152 -19.05 7.16 -12.94
CA GLY A 152 -20.41 6.71 -12.66
C GLY A 152 -20.70 6.39 -11.20
N ALA A 153 -20.19 7.24 -10.30
CA ALA A 153 -20.44 7.09 -8.87
C ALA A 153 -21.86 7.45 -8.52
N PHE A 154 -22.35 6.82 -7.45
CA PHE A 154 -23.64 7.12 -6.87
C PHE A 154 -23.65 8.55 -6.31
N GLY A 155 -22.50 9.01 -5.78
CA GLY A 155 -22.42 10.38 -5.24
C GLY A 155 -20.98 10.74 -4.98
N TYR A 156 -20.79 12.01 -4.70
CA TYR A 156 -19.48 12.51 -4.30
C TYR A 156 -19.66 13.20 -2.97
N MET A 157 -18.73 12.95 -2.06
CA MET A 157 -18.80 13.55 -0.73
C MET A 157 -17.42 13.99 -0.34
N GLU A 158 -17.30 15.09 0.38
CA GLU A 158 -16.00 15.46 0.97
C GLU A 158 -16.13 15.40 2.47
N CYS A 159 -15.08 14.99 3.15
CA CYS A 159 -15.13 14.91 4.61
C CYS A 159 -13.76 15.16 5.20
N SER A 160 -13.76 15.43 6.51
CA SER A 160 -12.53 15.43 7.25
C SER A 160 -12.75 14.59 8.49
N ALA A 161 -12.02 13.48 8.62
CA ALA A 161 -12.08 12.69 9.85
C ALA A 161 -11.54 13.50 11.02
N LYS A 162 -10.62 14.42 10.74
CA LYS A 162 -9.98 15.22 11.78
C LYS A 162 -10.96 16.19 12.41
N THR A 163 -11.76 16.88 11.61
CA THR A 163 -12.74 17.84 12.17
C THR A 163 -14.12 17.20 12.36
N LYS A 164 -14.31 16.01 11.77
CA LYS A 164 -15.60 15.28 11.75
C LYS A 164 -16.57 15.78 10.69
N ASP A 165 -16.24 16.88 10.01
CA ASP A 165 -17.07 17.43 8.96
C ASP A 165 -17.36 16.42 7.84
N GLY A 166 -18.63 16.26 7.51
CA GLY A 166 -18.99 15.39 6.41
C GLY A 166 -19.03 13.91 6.71
N VAL A 167 -18.50 13.48 7.87
CA VAL A 167 -18.37 12.03 8.14
C VAL A 167 -19.71 11.30 8.24
N ARG A 168 -20.60 11.81 9.08
CA ARG A 168 -21.88 11.13 9.24
C ARG A 168 -22.62 11.05 7.90
N GLU A 169 -22.56 12.13 7.12
CA GLU A 169 -23.15 12.17 5.79
C GLU A 169 -22.59 11.16 4.79
N VAL A 170 -21.30 10.86 4.86
CA VAL A 170 -20.73 9.82 3.98
C VAL A 170 -21.43 8.48 4.24
N PHE A 171 -21.59 8.13 5.50
CA PHE A 171 -22.07 6.80 5.83
C PHE A 171 -23.59 6.70 5.70
N GLU A 172 -24.27 7.81 5.93
CA GLU A 172 -25.72 7.87 5.61
C GLU A 172 -25.93 7.67 4.12
N MET A 173 -25.16 8.36 3.27
CA MET A 173 -25.29 8.17 1.83
C MET A 173 -24.97 6.74 1.41
N ALA A 174 -23.88 6.20 1.97
CA ALA A 174 -23.47 4.84 1.65
C ALA A 174 -24.56 3.84 2.04
N THR A 175 -25.18 4.06 3.20
CA THR A 175 -26.26 3.17 3.62
C THR A 175 -27.50 3.23 2.72
N ARG A 176 -27.86 4.43 2.26
CA ARG A 176 -28.94 4.55 1.29
C ARG A 176 -28.61 3.84 0.00
N ALA A 177 -27.36 3.94 -0.44
CA ALA A 177 -26.95 3.31 -1.69
C ALA A 177 -27.06 1.80 -1.52
N ALA A 178 -26.66 1.31 -0.35
CA ALA A 178 -26.65 -0.13 -0.05
C ALA A 178 -28.06 -0.73 -0.03
N LEU A 179 -29.03 0.11 0.30
CA LEU A 179 -30.44 -0.33 0.39
C LEU A 179 -31.18 -0.23 -0.93
N GLN A 180 -30.66 0.58 -1.83
CA GLN A 180 -31.19 0.68 -3.18
C GLN A 180 -30.87 -0.60 -3.96
N GLY B 10 16.02 -4.94 -24.08
CA GLY B 10 16.62 -5.28 -22.76
C GLY B 10 15.62 -5.22 -21.61
N GLN B 11 14.88 -6.31 -21.43
CA GLN B 11 13.86 -6.40 -20.40
C GLN B 11 14.45 -6.67 -19.01
N LEU B 12 13.83 -6.06 -18.00
CA LEU B 12 14.39 -6.07 -16.66
C LEU B 12 13.46 -6.77 -15.70
N PHE B 13 12.16 -6.50 -15.84
CA PHE B 13 11.12 -7.05 -14.96
C PHE B 13 10.69 -8.48 -15.37
N GLY B 14 10.32 -9.29 -14.39
CA GLY B 14 9.73 -10.61 -14.69
C GLY B 14 10.72 -11.73 -14.95
N ILE B 15 11.99 -11.50 -14.60
CA ILE B 15 13.06 -12.47 -14.89
C ILE B 15 13.82 -12.79 -13.61
N SER B 16 14.22 -14.05 -13.43
CA SER B 16 14.99 -14.38 -12.21
C SER B 16 16.26 -13.55 -12.14
N LEU B 17 16.73 -13.26 -10.93
CA LEU B 17 17.90 -12.42 -10.75
C LEU B 17 19.20 -12.96 -11.36
N PRO B 18 19.49 -14.27 -11.21
CA PRO B 18 20.68 -14.84 -11.87
C PRO B 18 20.69 -14.57 -13.38
N ASN B 19 19.51 -14.53 -13.99
CA ASN B 19 19.39 -14.36 -15.45
C ASN B 19 19.43 -12.92 -15.94
N ILE B 20 19.34 -11.97 -15.02
CA ILE B 20 19.60 -10.56 -15.35
C ILE B 20 20.92 -10.04 -14.77
N CYS B 21 21.63 -10.89 -14.04
CA CYS B 21 22.89 -10.49 -13.38
C CYS B 21 24.09 -11.29 -13.86
N GLU B 22 24.89 -10.72 -14.76
CA GLU B 22 26.18 -11.31 -15.11
C GLU B 22 27.04 -11.43 -13.88
N ASN B 23 27.50 -12.65 -13.60
CA ASN B 23 28.26 -12.98 -12.37
C ASN B 23 27.71 -12.29 -11.11
N ASP B 24 26.38 -12.30 -11.02
CA ASP B 24 25.61 -11.83 -9.84
C ASP B 24 25.88 -10.37 -9.45
N ASN B 25 26.29 -9.60 -10.45
CA ASN B 25 26.33 -8.14 -10.39
C ASN B 25 24.90 -7.63 -10.68
N LEU B 26 24.36 -6.81 -9.79
CA LEU B 26 23.00 -6.31 -9.96
C LEU B 26 22.84 -5.32 -11.12
N PRO B 27 21.61 -5.23 -11.70
CA PRO B 27 21.40 -4.25 -12.78
C PRO B 27 21.56 -2.81 -12.27
N LYS B 28 22.14 -1.93 -13.08
CA LYS B 28 22.36 -0.56 -12.64
C LYS B 28 21.10 0.18 -12.19
N PRO B 29 20.01 0.14 -12.97
CA PRO B 29 18.81 0.86 -12.51
C PRO B 29 18.25 0.36 -11.16
N VAL B 30 18.36 -0.93 -10.85
CA VAL B 30 17.99 -1.42 -9.51
C VAL B 30 18.92 -0.85 -8.43
N LEU B 31 20.24 -0.84 -8.69
CA LEU B 31 21.19 -0.25 -7.75
C LEU B 31 20.89 1.25 -7.55
N ASP B 32 20.64 1.96 -8.65
CA ASP B 32 20.33 3.41 -8.60
C ASP B 32 19.11 3.69 -7.74
N MET B 33 18.10 2.84 -7.86
CA MET B 33 16.87 3.03 -7.09
C MET B 33 17.13 2.86 -5.61
N LEU B 34 17.90 1.84 -5.25
CA LEU B 34 18.26 1.60 -3.85
C LEU B 34 19.12 2.74 -3.30
N PHE B 35 19.98 3.31 -4.14
CA PHE B 35 20.81 4.42 -3.72
C PHE B 35 19.98 5.67 -3.36
N PHE B 36 19.04 6.02 -4.25
CA PHE B 36 18.21 7.23 -4.01
C PHE B 36 17.27 7.03 -2.84
N LEU B 37 16.81 5.80 -2.68
CA LEU B 37 15.99 5.54 -1.51
C LEU B 37 16.81 5.56 -0.24
N ASN B 38 18.07 5.11 -0.27
CA ASN B 38 18.90 5.22 0.93
C ASN B 38 19.13 6.70 1.24
N GLN B 39 19.28 7.51 0.19
CA GLN B 39 19.64 8.92 0.36
C GLN B 39 18.44 9.77 0.77
N LYS B 40 17.31 9.56 0.11
CA LYS B 40 16.14 10.44 0.24
C LYS B 40 15.08 9.84 1.13
N GLY B 41 15.03 8.50 1.14
CA GLY B 41 14.04 7.77 1.92
C GLY B 41 13.93 8.15 3.39
N PRO B 42 15.06 8.14 4.11
CA PRO B 42 15.00 8.39 5.55
C PRO B 42 14.46 9.79 5.89
N LEU B 43 14.48 10.70 4.92
CA LEU B 43 13.90 12.05 5.08
C LEU B 43 12.45 12.19 4.59
N THR B 44 11.85 11.12 4.09
CA THR B 44 10.56 11.25 3.43
C THR B 44 9.45 10.62 4.26
N LYS B 45 8.51 11.43 4.75
CA LYS B 45 7.39 10.93 5.55
C LYS B 45 6.58 9.95 4.73
N GLY B 46 6.30 8.81 5.34
CA GLY B 46 5.43 7.81 4.70
C GLY B 46 6.03 7.08 3.51
N ILE B 47 7.35 7.12 3.36
CA ILE B 47 8.01 6.38 2.27
C ILE B 47 7.62 4.88 2.29
N PHE B 48 7.35 4.27 1.14
CA PHE B 48 6.80 2.88 0.97
C PHE B 48 5.31 2.69 1.29
N ARG B 49 4.75 3.65 2.05
CA ARG B 49 3.32 3.58 2.43
C ARG B 49 2.43 4.45 1.54
N GLN B 50 2.80 5.71 1.38
CA GLN B 50 1.97 6.59 0.59
C GLN B 50 2.05 6.15 -0.87
N SER B 51 0.92 6.03 -1.52
CA SER B 51 0.91 5.50 -2.90
C SER B 51 1.43 6.54 -3.86
N ALA B 52 2.19 6.08 -4.86
CA ALA B 52 2.69 6.94 -5.92
C ALA B 52 1.66 7.11 -7.01
N ASN B 53 1.89 8.10 -7.87
CA ASN B 53 1.10 8.30 -9.07
C ASN B 53 1.26 7.08 -10.01
N VAL B 54 0.18 6.32 -10.21
CA VAL B 54 0.27 5.07 -11.00
C VAL B 54 0.78 5.29 -12.44
N LYS B 55 0.33 6.37 -13.07
CA LYS B 55 0.78 6.67 -14.43
C LYS B 55 2.28 6.96 -14.46
N SER B 56 2.77 7.68 -13.46
CA SER B 56 4.19 7.94 -13.38
C SER B 56 4.99 6.63 -13.24
N CYS B 57 4.49 5.74 -12.39
CA CYS B 57 5.13 4.42 -12.19
C CYS B 57 5.15 3.62 -13.50
N ARG B 58 4.02 3.60 -14.18
CA ARG B 58 3.91 2.90 -15.45
C ARG B 58 4.94 3.40 -16.42
N GLU B 59 5.10 4.73 -16.48
CA GLU B 59 6.01 5.37 -17.42
C GLU B 59 7.46 5.01 -17.11
N LEU B 60 7.84 5.07 -15.84
CA LEU B 60 9.19 4.70 -15.41
C LEU B 60 9.49 3.24 -15.69
N LYS B 61 8.54 2.36 -15.38
CA LYS B 61 8.72 0.93 -15.61
C LYS B 61 8.89 0.64 -17.10
N GLU B 62 8.10 1.30 -17.94
CA GLU B 62 8.27 1.13 -19.37
C GLU B 62 9.69 1.53 -19.80
N LYS B 63 10.13 2.70 -19.36
CA LYS B 63 11.48 3.16 -19.66
C LYS B 63 12.55 2.14 -19.25
N LEU B 64 12.51 1.70 -18.00
CA LEU B 64 13.50 0.74 -17.49
C LEU B 64 13.48 -0.59 -18.26
N ASN B 65 12.28 -1.06 -18.59
CA ASN B 65 12.13 -2.30 -19.35
C ASN B 65 12.57 -2.19 -20.79
N SER B 66 12.75 -0.96 -21.28
CA SER B 66 13.25 -0.71 -22.63
C SER B 66 14.76 -0.57 -22.64
N GLY B 67 15.36 -0.44 -21.46
CA GLY B 67 16.78 -0.11 -21.36
C GLY B 67 17.08 1.32 -21.78
N VAL B 68 16.03 2.15 -21.81
CA VAL B 68 16.16 3.55 -22.21
C VAL B 68 16.64 4.43 -21.03
N GLU B 69 17.10 5.64 -21.37
CA GLU B 69 17.86 6.49 -20.46
C GLU B 69 16.99 7.19 -19.41
N VAL B 70 17.36 7.00 -18.14
CA VAL B 70 16.52 7.44 -17.01
C VAL B 70 17.29 8.24 -15.94
N HIS B 71 16.71 9.39 -15.58
CA HIS B 71 17.30 10.32 -14.64
C HIS B 71 16.60 10.21 -13.27
N LEU B 72 17.06 9.29 -12.44
CA LEU B 72 16.37 8.97 -11.18
C LEU B 72 16.40 10.06 -10.10
N ASP B 73 17.26 11.07 -10.25
CA ASP B 73 17.26 12.19 -9.32
C ASP B 73 16.05 13.12 -9.51
N CYS B 74 15.42 13.06 -10.69
CA CYS B 74 14.25 13.88 -11.00
C CYS B 74 12.91 13.18 -10.78
N GLU B 75 12.93 11.89 -10.48
CA GLU B 75 11.69 11.16 -10.24
C GLU B 75 11.26 11.37 -8.80
N SER B 76 9.94 11.35 -8.56
CA SER B 76 9.41 11.35 -7.21
C SER B 76 9.99 10.16 -6.45
N ILE B 77 10.38 10.38 -5.20
CA ILE B 77 10.89 9.27 -4.39
C ILE B 77 9.83 8.17 -4.14
N PHE B 78 8.55 8.56 -4.04
CA PHE B 78 7.46 7.59 -3.91
C PHE B 78 7.30 6.71 -5.16
N VAL B 79 7.56 7.31 -6.33
CA VAL B 79 7.58 6.57 -7.59
C VAL B 79 8.71 5.54 -7.60
N ILE B 80 9.89 5.98 -7.21
CA ILE B 80 11.02 5.05 -7.05
C ILE B 80 10.64 3.91 -6.09
N ALA B 81 10.08 4.24 -4.93
CA ALA B 81 9.72 3.18 -3.98
C ALA B 81 8.76 2.16 -4.59
N SER B 82 7.74 2.66 -5.29
CA SER B 82 6.72 1.80 -5.88
C SER B 82 7.25 0.96 -6.99
N VAL B 83 8.10 1.54 -7.83
CA VAL B 83 8.66 0.79 -8.94
C VAL B 83 9.64 -0.28 -8.48
N LEU B 84 10.41 0.01 -7.42
CA LEU B 84 11.28 -0.98 -6.77
C LEU B 84 10.45 -2.16 -6.29
N LYS B 85 9.37 -1.89 -5.58
CA LYS B 85 8.54 -2.99 -5.04
C LYS B 85 7.92 -3.78 -6.17
N ASP B 86 7.56 -3.11 -7.26
CA ASP B 86 7.02 -3.79 -8.45
C ASP B 86 8.07 -4.71 -9.07
N PHE B 87 9.29 -4.22 -9.16
CA PHE B 87 10.38 -5.07 -9.59
C PHE B 87 10.45 -6.31 -8.71
N LEU B 88 10.44 -6.12 -7.39
CA LEU B 88 10.53 -7.28 -6.48
C LEU B 88 9.33 -8.22 -6.70
N ARG B 89 8.14 -7.64 -6.87
CA ARG B 89 6.91 -8.44 -7.02
C ARG B 89 6.87 -9.26 -8.30
N ASN B 90 7.75 -8.91 -9.23
CA ASN B 90 7.80 -9.61 -10.50
C ASN B 90 8.96 -10.61 -10.64
N ILE B 91 9.70 -10.81 -9.56
CA ILE B 91 10.72 -11.86 -9.57
C ILE B 91 9.98 -13.20 -9.44
N PRO B 92 10.11 -14.07 -10.45
CA PRO B 92 9.41 -15.37 -10.39
C PRO B 92 9.72 -16.11 -9.09
N GLY B 93 8.68 -16.44 -8.33
CA GLY B 93 8.89 -17.21 -7.10
C GLY B 93 9.19 -16.36 -5.89
N SER B 94 9.34 -15.06 -6.11
CA SER B 94 9.73 -14.06 -5.08
C SER B 94 11.19 -14.17 -4.66
N ILE B 95 11.72 -13.07 -4.15
CA ILE B 95 13.13 -13.04 -3.75
C ILE B 95 13.47 -13.95 -2.55
N PHE B 96 12.47 -14.27 -1.70
CA PHE B 96 12.63 -15.19 -0.55
C PHE B 96 12.35 -16.64 -0.91
N SER B 97 11.87 -16.85 -2.14
CA SER B 97 11.49 -18.20 -2.68
C SER B 97 10.18 -18.78 -2.09
N SER B 98 9.18 -18.95 -2.95
CA SER B 98 7.89 -19.44 -2.48
C SER B 98 8.00 -20.88 -2.00
N ASP B 99 9.00 -21.58 -2.50
CA ASP B 99 9.33 -22.97 -2.09
C ASP B 99 9.69 -23.05 -0.61
N LEU B 100 10.10 -21.93 -0.02
CA LEU B 100 10.56 -21.93 1.37
C LEU B 100 9.51 -21.29 2.28
N TYR B 101 8.37 -20.93 1.69
CA TYR B 101 7.34 -20.19 2.39
C TYR B 101 6.97 -20.79 3.75
N ASP B 102 6.76 -22.10 3.83
CA ASP B 102 6.39 -22.70 5.10
C ASP B 102 7.47 -22.51 6.17
N HIS B 103 8.72 -22.55 5.75
CA HIS B 103 9.80 -22.28 6.70
C HIS B 103 9.85 -20.82 7.14
N TRP B 104 9.67 -19.90 6.20
CA TRP B 104 9.76 -18.48 6.56
C TRP B 104 8.66 -18.13 7.57
N VAL B 105 7.47 -18.68 7.37
CA VAL B 105 6.34 -18.33 8.26
C VAL B 105 6.49 -18.91 9.67
N SER B 106 7.39 -19.87 9.85
CA SER B 106 7.67 -20.54 11.13
C SER B 106 8.84 -19.93 11.90
N VAL B 107 9.63 -19.08 11.23
CA VAL B 107 10.84 -18.51 11.87
C VAL B 107 10.52 -17.91 13.22
N MET B 108 9.44 -17.14 13.31
CA MET B 108 9.20 -16.38 14.53
C MET B 108 8.69 -17.25 15.70
N ASP B 109 8.48 -18.54 15.43
CA ASP B 109 8.17 -19.52 16.48
C ASP B 109 9.43 -20.07 17.16
N GLN B 110 10.59 -19.94 16.49
CA GLN B 110 11.86 -20.36 17.08
C GLN B 110 12.02 -19.62 18.39
N GLY B 111 12.79 -20.19 19.33
CA GLY B 111 12.97 -19.60 20.66
C GLY B 111 13.39 -18.14 20.74
N ASN B 112 14.64 -17.91 21.09
CA ASN B 112 15.15 -16.56 21.30
C ASN B 112 15.69 -15.94 20.01
N ASP B 113 16.25 -14.75 20.11
CA ASP B 113 16.73 -14.03 18.93
C ASP B 113 17.89 -14.70 18.20
N GLU B 114 18.80 -15.35 18.92
CA GLU B 114 19.90 -16.02 18.23
C GLU B 114 19.43 -17.21 17.42
N GLU B 115 18.51 -17.99 17.99
CA GLU B 115 17.93 -19.12 17.30
C GLU B 115 17.13 -18.68 16.06
N LYS B 116 16.35 -17.61 16.18
CA LYS B 116 15.71 -17.00 14.99
C LYS B 116 16.73 -16.63 13.89
N ILE B 117 17.77 -15.93 14.30
CA ILE B 117 18.85 -15.50 13.38
C ILE B 117 19.47 -16.72 12.70
N ASN B 118 19.75 -17.76 13.46
CA ASN B 118 20.37 -18.93 12.86
C ASN B 118 19.45 -19.59 11.82
N THR B 119 18.16 -19.63 12.11
CA THR B 119 17.18 -20.22 11.19
C THR B 119 17.13 -19.40 9.89
N VAL B 120 17.09 -18.09 10.05
CA VAL B 120 17.06 -17.23 8.88
C VAL B 120 18.36 -17.39 8.05
N GLN B 121 19.51 -17.47 8.71
CA GLN B 121 20.79 -17.55 7.98
C GLN B 121 20.81 -18.82 7.12
N ARG B 122 20.31 -19.92 7.67
CA ARG B 122 20.28 -21.19 6.92
C ARG B 122 19.31 -21.14 5.73
N LEU B 123 18.22 -20.38 5.86
CA LEU B 123 17.33 -20.16 4.73
C LEU B 123 17.93 -19.26 3.66
N LEU B 124 18.56 -18.17 4.05
CA LEU B 124 19.29 -17.32 3.09
C LEU B 124 20.35 -18.10 2.31
N ASP B 125 20.98 -19.08 2.96
CA ASP B 125 21.95 -19.97 2.32
C ASP B 125 21.38 -20.76 1.13
N GLN B 126 20.06 -20.92 1.11
CA GLN B 126 19.41 -21.65 0.03
C GLN B 126 18.90 -20.76 -1.11
N LEU B 127 19.18 -19.46 -1.05
CA LEU B 127 18.69 -18.55 -2.05
C LEU B 127 19.83 -18.33 -3.06
N PRO B 128 19.47 -18.02 -4.32
CA PRO B 128 20.56 -17.66 -5.25
C PRO B 128 21.37 -16.47 -4.76
N ARG B 129 22.65 -16.48 -5.08
CA ARG B 129 23.55 -15.43 -4.62
C ARG B 129 23.02 -14.04 -4.95
N ALA B 130 22.55 -13.86 -6.19
CA ALA B 130 22.02 -12.55 -6.63
C ALA B 130 20.88 -12.07 -5.74
N ASN B 131 20.01 -13.00 -5.33
CA ASN B 131 18.96 -12.63 -4.39
C ASN B 131 19.50 -12.09 -3.09
N VAL B 132 20.56 -12.72 -2.57
CA VAL B 132 21.08 -12.37 -1.26
C VAL B 132 21.82 -11.03 -1.35
N VAL B 133 22.54 -10.82 -2.45
CA VAL B 133 23.17 -9.51 -2.63
C VAL B 133 22.12 -8.41 -2.64
N LEU B 134 21.01 -8.62 -3.35
CA LEU B 134 19.97 -7.61 -3.40
C LEU B 134 19.36 -7.41 -2.01
N LEU B 135 19.06 -8.51 -1.33
CA LEU B 135 18.46 -8.42 0.00
C LEU B 135 19.39 -7.67 0.97
N ARG B 136 20.71 -7.90 0.86
CA ARG B 136 21.64 -7.12 1.69
C ARG B 136 21.45 -5.64 1.52
N TYR B 137 21.42 -5.19 0.26
CA TYR B 137 21.27 -3.76 -0.08
CA TYR B 137 21.31 -3.75 -0.02
C TYR B 137 19.95 -3.25 0.50
N LEU B 138 18.91 -4.01 0.20
CA LEU B 138 17.56 -3.58 0.53
C LEU B 138 17.26 -3.52 2.01
N PHE B 139 17.57 -4.58 2.79
CA PHE B 139 17.32 -4.51 4.23
C PHE B 139 18.20 -3.45 4.92
N GLY B 140 19.36 -3.17 4.33
CA GLY B 140 20.19 -2.05 4.79
C GLY B 140 19.50 -0.71 4.62
N VAL B 141 18.90 -0.50 3.44
CA VAL B 141 18.10 0.73 3.17
C VAL B 141 16.93 0.87 4.13
N LEU B 142 16.20 -0.22 4.31
CA LEU B 142 15.09 -0.15 5.25
C LEU B 142 15.50 0.04 6.70
N HIS B 143 16.59 -0.60 7.12
CA HIS B 143 17.15 -0.35 8.43
C HIS B 143 17.45 1.14 8.60
N ASN B 144 18.07 1.77 7.60
CA ASN B 144 18.44 3.23 7.63
C ASN B 144 17.23 4.11 7.77
N ILE B 145 16.17 3.72 7.07
CA ILE B 145 14.88 4.43 7.08
C ILE B 145 14.24 4.35 8.44
N GLU B 146 14.09 3.11 8.94
CA GLU B 146 13.56 2.83 10.26
C GLU B 146 14.32 3.61 11.36
N GLN B 147 15.63 3.80 11.17
CA GLN B 147 16.45 4.58 12.13
C GLN B 147 16.02 6.03 12.28
N HIS B 148 15.27 6.53 11.29
CA HIS B 148 14.74 7.91 11.31
C HIS B 148 13.20 7.93 11.46
N SER B 149 12.64 6.91 12.12
CA SER B 149 11.19 6.77 12.16
C SER B 149 10.50 7.91 12.93
N SER B 150 11.25 8.50 13.87
CA SER B 150 10.71 9.60 14.65
C SER B 150 10.42 10.80 13.77
N SER B 151 11.07 10.86 12.62
CA SER B 151 10.80 11.89 11.63
C SER B 151 9.82 11.36 10.57
N ASN B 152 10.19 10.25 9.94
CA ASN B 152 9.47 9.81 8.76
C ASN B 152 8.27 8.89 9.02
N GLN B 153 8.10 8.50 10.29
CA GLN B 153 6.94 7.69 10.74
C GLN B 153 6.97 6.24 10.33
N MET B 154 8.00 5.85 9.59
CA MET B 154 8.10 4.49 9.10
C MET B 154 8.97 3.67 10.02
N THR B 155 8.35 3.22 11.09
CA THR B 155 8.99 2.21 11.96
C THR B 155 9.25 0.89 11.19
N ALA B 156 10.01 -0.02 11.81
CA ALA B 156 10.27 -1.33 11.25
C ALA B 156 8.96 -2.07 10.96
N PHE B 157 8.00 -1.99 11.88
CA PHE B 157 6.71 -2.64 11.66
C PHE B 157 5.97 -2.02 10.47
N ASN B 158 5.91 -0.69 10.41
CA ASN B 158 5.22 0.00 9.32
C ASN B 158 5.86 -0.33 8.00
N LEU B 159 7.19 -0.36 7.96
CA LEU B 159 7.85 -0.70 6.71
C LEU B 159 7.55 -2.14 6.35
N ALA B 160 7.54 -3.02 7.34
CA ALA B 160 7.34 -4.46 7.05
C ALA B 160 5.95 -4.67 6.44
N VAL B 161 4.93 -4.01 7.00
CA VAL B 161 3.57 -4.15 6.42
C VAL B 161 3.57 -3.67 4.97
N CYS B 162 4.26 -2.59 4.70
CA CYS B 162 4.24 -1.99 3.38
C CYS B 162 5.09 -2.70 2.34
N VAL B 163 5.98 -3.60 2.73
CA VAL B 163 6.83 -4.22 1.72
C VAL B 163 6.70 -5.74 1.70
N ALA B 164 6.23 -6.34 2.80
CA ALA B 164 6.24 -7.83 2.91
C ALA B 164 5.65 -8.60 1.71
N PRO B 165 4.47 -8.20 1.19
CA PRO B 165 3.90 -8.96 0.06
C PRO B 165 4.71 -8.88 -1.22
N SER B 166 5.65 -7.95 -1.31
CA SER B 166 6.50 -7.86 -2.49
C SER B 166 7.72 -8.73 -2.30
N ILE B 167 7.95 -9.23 -1.07
CA ILE B 167 9.17 -9.99 -0.75
C ILE B 167 8.94 -11.51 -0.73
N LEU B 168 7.77 -11.91 -0.30
CA LEU B 168 7.44 -13.36 -0.16
C LEU B 168 5.96 -13.58 -0.36
N TRP B 169 5.64 -14.66 -1.08
CA TRP B 169 4.26 -15.13 -1.21
C TRP B 169 4.33 -16.61 -1.35
N PRO B 170 3.20 -17.31 -1.13
CA PRO B 170 3.14 -18.78 -1.23
C PRO B 170 3.24 -19.30 -2.67
N PRO B 171 3.47 -20.61 -2.84
CA PRO B 171 3.56 -21.15 -4.21
C PRO B 171 2.34 -20.77 -5.05
N ALA B 172 2.52 -20.72 -6.38
CA ALA B 172 1.45 -20.22 -7.27
C ALA B 172 0.15 -21.03 -7.15
N SER B 173 0.27 -22.31 -6.85
CA SER B 173 -0.90 -23.19 -6.70
C SER B 173 -1.80 -22.84 -5.50
N SER B 174 -1.33 -22.02 -4.55
CA SER B 174 -2.13 -21.77 -3.34
C SER B 174 -3.17 -20.67 -3.55
N SER B 175 -4.18 -20.67 -2.67
CA SER B 175 -5.27 -19.72 -2.76
C SER B 175 -4.84 -18.40 -2.14
N PRO B 176 -5.52 -17.30 -2.48
CA PRO B 176 -5.24 -16.07 -1.71
C PRO B 176 -5.56 -16.22 -0.23
N GLU B 177 -6.51 -17.10 0.16
CA GLU B 177 -6.79 -17.33 1.59
C GLU B 177 -5.50 -17.79 2.32
N LEU B 178 -4.69 -18.61 1.67
CA LEU B 178 -3.46 -19.09 2.33
C LEU B 178 -2.52 -17.90 2.58
N GLU B 179 -2.31 -17.10 1.53
CA GLU B 179 -1.52 -15.89 1.76
C GLU B 179 -2.07 -15.02 2.88
N ASN B 180 -3.40 -14.85 2.91
CA ASN B 180 -4.02 -14.01 3.94
C ASN B 180 -3.83 -14.60 5.34
N GLU B 181 -3.79 -15.93 5.42
CA GLU B 181 -3.65 -16.56 6.75
C GLU B 181 -2.36 -16.20 7.48
N PHE B 182 -1.30 -16.02 6.71
CA PHE B 182 0.02 -15.85 7.30
C PHE B 182 0.54 -14.47 7.06
N THR B 183 -0.24 -13.59 6.43
CA THR B 183 0.36 -12.31 6.04
C THR B 183 0.86 -11.49 7.27
N LYS B 184 0.15 -11.56 8.38
CA LYS B 184 0.61 -10.89 9.62
C LYS B 184 1.93 -11.46 10.13
N LYS B 185 2.05 -12.79 10.12
CA LYS B 185 3.30 -13.45 10.51
C LYS B 185 4.42 -13.06 9.59
N VAL B 186 4.11 -12.93 8.31
CA VAL B 186 5.17 -12.52 7.38
C VAL B 186 5.66 -11.08 7.71
N SER B 187 4.74 -10.17 8.00
CA SER B 187 5.13 -8.82 8.36
C SER B 187 5.96 -8.79 9.65
N LEU B 188 5.59 -9.61 10.64
CA LEU B 188 6.37 -9.69 11.88
C LEU B 188 7.76 -10.28 11.61
N LEU B 189 7.89 -11.24 10.69
CA LEU B 189 9.22 -11.72 10.31
C LEU B 189 10.02 -10.61 9.66
N ILE B 190 9.41 -9.89 8.70
CA ILE B 190 10.18 -8.85 8.00
C ILE B 190 10.53 -7.72 8.97
N GLN B 191 9.69 -7.44 9.96
CA GLN B 191 10.01 -6.45 10.97
C GLN B 191 11.30 -6.88 11.71
N PHE B 192 11.36 -8.17 12.06
CA PHE B 192 12.53 -8.72 12.77
C PHE B 192 13.78 -8.59 11.90
N LEU B 193 13.67 -8.88 10.61
CA LEU B 193 14.83 -8.77 9.73
C LEU B 193 15.31 -7.34 9.54
N ILE B 194 14.38 -6.39 9.48
CA ILE B 194 14.76 -4.99 9.32
C ILE B 194 15.57 -4.59 10.59
N GLU B 195 15.05 -4.97 11.75
CA GLU B 195 15.66 -4.57 13.03
C GLU B 195 17.01 -5.23 13.26
N ASN B 196 17.19 -6.42 12.71
CA ASN B 196 18.35 -7.19 13.05
C ASN B 196 19.26 -7.42 11.89
N CYS B 197 19.03 -6.68 10.83
CA CYS B 197 19.64 -7.03 9.56
C CYS B 197 21.14 -7.07 9.63
N LEU B 198 21.71 -6.26 10.50
CA LEU B 198 23.16 -6.26 10.69
C LEU B 198 23.72 -7.50 11.34
N ARG B 199 22.86 -8.28 12.01
CA ARG B 199 23.37 -9.51 12.70
C ARG B 199 23.17 -10.67 11.76
N ILE B 200 22.35 -10.41 10.75
CA ILE B 200 21.88 -11.46 9.85
C ILE B 200 22.69 -11.62 8.56
N PHE B 201 22.91 -10.52 7.85
CA PHE B 201 23.69 -10.56 6.60
C PHE B 201 25.19 -10.41 6.83
PB GDP C . -5.21 4.71 5.34
O1B GDP C . -6.08 3.89 6.28
O2B GDP C . -3.94 4.08 4.91
O3B GDP C . -6.05 5.18 4.15
O3A GDP C . -4.85 6.09 6.10
PA GDP C . -5.12 6.45 7.65
O1A GDP C . -4.33 5.55 8.59
O2A GDP C . -6.57 6.60 8.01
O5' GDP C . -4.52 7.92 7.68
C5' GDP C . -3.16 8.21 7.23
C4' GDP C . -2.62 9.55 7.71
O4' GDP C . -3.55 10.55 7.32
C3' GDP C . -2.49 9.63 9.22
O3' GDP C . -1.34 10.43 9.50
C2' GDP C . -3.78 10.31 9.64
O2' GDP C . -3.63 11.06 10.85
C1' GDP C . -3.95 11.26 8.47
N9 GDP C . -5.33 11.69 8.30
C8 GDP C . -6.39 10.85 8.16
N7 GDP C . -7.54 11.56 8.03
C5 GDP C . -7.20 12.87 8.08
C6 GDP C . -7.95 14.12 8.00
O6 GDP C . -9.20 14.10 7.84
N1 GDP C . -7.24 15.26 8.09
C2 GDP C . -5.91 15.32 8.28
N2 GDP C . -5.28 16.52 8.35
N3 GDP C . -5.17 14.19 8.35
C4 GDP C . -5.75 12.96 8.28
MG MG D . -5.71 1.97 7.00
F1 MGF E . -4.15 2.02 2.84
MG MGF E . -3.32 2.12 4.46
F2 MGF E . -4.20 1.55 5.88
F3 MGF E . -1.67 2.72 4.34
#